data_6MVM
#
_entry.id   6MVM
#
_cell.length_a   44.881
_cell.length_b   70.774
_cell.length_c   53.817
_cell.angle_alpha   90.00
_cell.angle_beta   90.15
_cell.angle_gamma   90.00
#
_symmetry.space_group_name_H-M   'P 1 21 1'
#
loop_
_entity.id
_entity.type
_entity.pdbx_description
1 polymer 'Transcriptional regulator LasR'
2 non-polymer 3-oxo-N-[(3S)-2-oxooxolan-3-yl]tetradecanamide
3 water water
#
_entity_poly.entity_id   1
_entity_poly.type   'polypeptide(L)'
_entity_poly.pdbx_seq_one_letter_code
;FLELERSSGKLEWSAILQKMASDLGFSKILFGLLPKDSQDYENAFIVGNYPAAWREHYDRAGYARVDPTVSHCTQSVLPI
FWEPSIYQTRKQHEFFEEASAAGLVYGLTMPLHGARGELGALSFSVEAENRAEANRFMESVLPTLWMLKDYALQSGAGLA
FE
;
_entity_poly.pdbx_strand_id   A,B
#
loop_
_chem_comp.id
_chem_comp.type
_chem_comp.name
_chem_comp.formula
K4G non-polymer 3-oxo-N-[(3S)-2-oxooxolan-3-yl]tetradecanamide 'C18 H31 N O4'
#
# COMPACT_ATOMS: atom_id res chain seq x y z
N PHE A 1 -6.05 -3.14 14.72
CA PHE A 1 -6.34 -3.33 13.30
C PHE A 1 -7.27 -4.51 13.09
N LEU A 2 -6.94 -5.61 13.77
CA LEU A 2 -7.67 -6.89 13.70
C LEU A 2 -9.19 -6.75 13.67
N GLU A 3 -9.68 -5.80 14.45
CA GLU A 3 -11.10 -5.55 14.65
C GLU A 3 -11.84 -5.19 13.36
N LEU A 4 -11.09 -4.69 12.37
CA LEU A 4 -11.64 -4.30 11.07
C LEU A 4 -12.05 -5.49 10.23
N GLU A 5 -11.31 -6.59 10.35
CA GLU A 5 -11.63 -7.80 9.57
C GLU A 5 -12.56 -8.69 10.38
N ARG A 6 -12.46 -8.65 11.70
CA ARG A 6 -13.34 -9.45 12.52
C ARG A 6 -14.55 -8.64 12.96
N SER A 7 -14.79 -7.53 12.28
CA SER A 7 -16.08 -6.86 12.32
C SER A 7 -16.99 -7.62 11.36
N SER A 8 -18.26 -7.27 11.28
CA SER A 8 -19.19 -8.14 10.54
C SER A 8 -20.08 -7.42 9.54
N GLY A 9 -20.50 -6.20 9.87
CA GLY A 9 -21.34 -5.44 8.96
C GLY A 9 -20.79 -4.04 8.64
N LYS A 10 -21.19 -3.51 7.49
CA LYS A 10 -20.75 -2.18 7.06
C LYS A 10 -20.95 -1.12 8.14
N LEU A 11 -22.05 -1.22 8.88
CA LEU A 11 -22.32 -0.26 9.95
C LEU A 11 -21.21 -0.35 10.96
N GLU A 12 -20.87 -1.58 11.35
CA GLU A 12 -19.86 -1.79 12.38
C GLU A 12 -18.47 -1.47 11.85
N TRP A 13 -18.21 -1.86 10.61
CA TRP A 13 -16.93 -1.59 9.96
C TRP A 13 -16.64 -0.11 9.93
N SER A 14 -17.64 0.66 9.52
CA SER A 14 -17.51 2.11 9.38
C SER A 14 -17.26 2.78 10.73
N ALA A 15 -17.92 2.30 11.77
CA ALA A 15 -17.73 2.84 13.11
C ALA A 15 -16.30 2.62 13.57
N ILE A 16 -15.80 1.41 13.34
CA ILE A 16 -14.46 1.04 13.78
C ILE A 16 -13.45 1.90 13.05
N LEU A 17 -13.59 2.01 11.74
CA LEU A 17 -12.66 2.81 10.96
C LEU A 17 -12.70 4.27 11.41
N GLN A 18 -13.91 4.78 11.64
CA GLN A 18 -14.09 6.13 12.16
C GLN A 18 -13.40 6.30 13.51
N LYS A 19 -13.46 5.28 14.36
CA LYS A 19 -12.82 5.34 15.68
C LYS A 19 -11.30 5.27 15.60
N MET A 20 -10.76 4.49 14.67
CA MET A 20 -9.31 4.39 14.51
C MET A 20 -8.73 5.72 14.05
N ALA A 21 -9.43 6.36 13.13
CA ALA A 21 -8.98 7.62 12.56
C ALA A 21 -9.10 8.73 13.59
N SER A 22 -10.26 8.78 14.23
CA SER A 22 -10.51 9.71 15.34
C SER A 22 -9.39 9.61 16.37
N ASP A 23 -9.00 8.37 16.67
CA ASP A 23 -7.93 8.08 17.61
C ASP A 23 -6.59 8.60 17.13
N LEU A 24 -6.48 8.82 15.82
CA LEU A 24 -5.23 9.33 15.27
C LEU A 24 -5.29 10.86 15.10
N GLY A 25 -6.42 11.44 15.50
CA GLY A 25 -6.61 12.88 15.49
C GLY A 25 -7.45 13.40 14.35
N PHE A 26 -8.21 12.52 13.69
CA PHE A 26 -9.02 12.91 12.54
C PHE A 26 -10.53 12.80 12.78
N SER A 27 -11.24 13.93 12.78
CA SER A 27 -12.67 13.92 13.02
C SER A 27 -13.48 13.56 11.76
N LYS A 28 -12.91 13.79 10.58
CA LYS A 28 -13.60 13.44 9.35
C LYS A 28 -12.79 12.49 8.45
N ILE A 29 -13.45 11.46 7.93
CA ILE A 29 -12.79 10.55 6.98
C ILE A 29 -13.76 10.09 5.89
N LEU A 30 -13.16 9.61 4.80
CA LEU A 30 -13.89 9.02 3.70
C LEU A 30 -13.12 7.82 3.17
N PHE A 31 -13.82 6.71 2.94
CA PHE A 31 -13.25 5.54 2.30
C PHE A 31 -14.12 5.21 1.10
N GLY A 32 -13.57 5.44 -0.09
CA GLY A 32 -14.30 5.16 -1.32
C GLY A 32 -13.61 4.06 -2.10
N LEU A 33 -14.38 3.15 -2.69
CA LEU A 33 -13.81 2.05 -3.44
C LEU A 33 -14.69 1.62 -4.62
N LEU A 34 -14.08 1.50 -5.79
CA LEU A 34 -14.73 0.97 -7.00
C LEU A 34 -14.12 -0.36 -7.41
N PRO A 35 -14.94 -1.32 -7.88
CA PRO A 35 -14.33 -2.57 -8.35
C PRO A 35 -13.50 -2.38 -9.63
N LYS A 36 -12.92 -3.47 -10.13
CA LYS A 36 -11.99 -3.45 -11.25
C LYS A 36 -12.59 -2.90 -12.55
N ASP A 37 -11.85 -1.99 -13.19
CA ASP A 37 -12.19 -1.36 -14.48
C ASP A 37 -13.43 -0.48 -14.43
N SER A 38 -13.86 -0.11 -13.23
CA SER A 38 -15.09 0.65 -13.05
C SER A 38 -14.84 2.15 -13.12
N GLN A 39 -15.92 2.89 -13.38
CA GLN A 39 -15.92 4.36 -13.40
C GLN A 39 -17.24 4.88 -12.82
N ASP A 40 -18.09 3.97 -12.36
CA ASP A 40 -19.42 4.36 -11.88
C ASP A 40 -19.37 4.91 -10.47
N TYR A 41 -18.81 6.12 -10.35
CA TYR A 41 -18.62 6.77 -9.05
C TYR A 41 -19.92 6.93 -8.28
N GLU A 42 -21.03 6.88 -9.01
CA GLU A 42 -22.36 6.92 -8.42
C GLU A 42 -22.59 5.67 -7.57
N ASN A 43 -22.10 4.55 -8.07
CA ASN A 43 -22.26 3.28 -7.39
C ASN A 43 -21.03 2.96 -6.55
N ALA A 44 -20.25 3.98 -6.24
CA ALA A 44 -19.03 3.78 -5.45
C ALA A 44 -19.37 3.50 -3.99
N PHE A 45 -18.75 2.46 -3.44
CA PHE A 45 -18.82 2.11 -2.03
C PHE A 45 -18.20 3.23 -1.21
N ILE A 46 -19.00 3.92 -0.39
CA ILE A 46 -18.48 5.08 0.33
C ILE A 46 -18.67 4.91 1.83
N VAL A 47 -17.63 5.21 2.61
CA VAL A 47 -17.74 5.13 4.07
C VAL A 47 -17.07 6.33 4.77
N GLY A 48 -17.65 6.77 5.89
CA GLY A 48 -17.03 7.77 6.74
C GLY A 48 -18.00 8.84 7.16
N ASN A 49 -17.48 9.95 7.69
CA ASN A 49 -18.35 10.96 8.27
C ASN A 49 -18.19 12.36 7.69
N TYR A 50 -17.96 12.45 6.39
CA TYR A 50 -18.05 13.72 5.71
C TYR A 50 -19.45 14.26 5.91
N PRO A 51 -19.59 15.59 6.02
CA PRO A 51 -20.94 16.16 6.10
C PRO A 51 -21.79 15.61 4.97
N ALA A 52 -22.98 15.15 5.31
CA ALA A 52 -23.86 14.48 4.36
C ALA A 52 -24.17 15.41 3.21
N ALA A 53 -24.35 16.70 3.50
CA ALA A 53 -24.68 17.72 2.50
C ALA A 53 -23.57 17.91 1.49
N TRP A 54 -22.34 17.99 2.00
CA TRP A 54 -21.17 18.03 1.16
C TRP A 54 -21.12 16.80 0.26
N ARG A 55 -21.33 15.62 0.84
CA ARG A 55 -21.30 14.39 0.04
C ARG A 55 -22.27 14.44 -1.14
N GLU A 56 -23.46 14.99 -0.92
CA GLU A 56 -24.53 14.95 -1.91
C GLU A 56 -24.29 15.99 -2.99
N HIS A 57 -23.80 17.14 -2.56
CA HIS A 57 -23.36 18.21 -3.44
C HIS A 57 -22.18 17.77 -4.32
N TYR A 58 -21.12 17.31 -3.66
CA TYR A 58 -19.97 16.67 -4.30
C TYR A 58 -20.42 15.75 -5.44
N ASP A 59 -21.29 14.80 -5.11
CA ASP A 59 -21.75 13.78 -6.05
C ASP A 59 -22.59 14.38 -7.17
N ARG A 60 -23.34 15.42 -6.84
CA ARG A 60 -24.17 16.06 -7.84
C ARG A 60 -23.33 16.94 -8.77
N ALA A 61 -22.41 17.70 -8.21
CA ALA A 61 -21.61 18.66 -8.97
C ALA A 61 -20.48 18.01 -9.78
N GLY A 62 -20.47 16.69 -9.81
CA GLY A 62 -19.42 15.95 -10.50
C GLY A 62 -18.00 16.26 -10.04
N TYR A 63 -17.84 16.60 -8.76
CA TYR A 63 -16.56 17.06 -8.22
C TYR A 63 -15.45 16.01 -8.24
N ALA A 64 -15.80 14.75 -8.50
CA ALA A 64 -14.80 13.72 -8.49
C ALA A 64 -13.87 13.96 -9.68
N ARG A 65 -14.39 14.66 -10.68
CA ARG A 65 -13.62 15.03 -11.88
C ARG A 65 -12.75 16.27 -11.68
N VAL A 66 -13.02 17.00 -10.60
CA VAL A 66 -12.37 18.28 -10.35
C VAL A 66 -11.38 18.14 -9.20
N ASP A 67 -11.79 17.36 -8.20
CA ASP A 67 -10.96 16.97 -7.06
C ASP A 67 -9.59 16.44 -7.47
N PRO A 68 -8.53 17.22 -7.21
CA PRO A 68 -7.18 16.73 -7.52
C PRO A 68 -6.75 15.50 -6.69
N THR A 69 -7.41 15.23 -5.56
CA THR A 69 -7.03 14.05 -4.78
C THR A 69 -7.49 12.80 -5.51
N VAL A 70 -8.57 12.92 -6.26
CA VAL A 70 -9.07 11.74 -6.98
C VAL A 70 -8.18 11.41 -8.17
N SER A 71 -7.87 12.43 -8.99
CA SER A 71 -7.02 12.20 -10.14
C SER A 71 -5.70 11.64 -9.64
N HIS A 72 -5.19 12.19 -8.55
CA HIS A 72 -3.91 11.70 -8.00
C HIS A 72 -3.94 10.22 -7.69
N CYS A 73 -5.02 9.75 -7.08
CA CYS A 73 -5.15 8.33 -6.69
C CYS A 73 -5.17 7.40 -7.91
N THR A 74 -5.56 7.93 -9.06
CA THR A 74 -5.58 7.12 -10.27
C THR A 74 -4.16 6.94 -10.79
N GLN A 75 -3.27 7.84 -10.36
CA GLN A 75 -1.92 7.90 -10.91
C GLN A 75 -0.81 7.49 -9.93
N SER A 76 -1.15 7.16 -8.70
CA SER A 76 -0.12 6.91 -7.69
C SER A 76 -0.61 6.03 -6.53
N VAL A 77 0.34 5.53 -5.74
CA VAL A 77 0.03 4.76 -4.54
C VAL A 77 0.46 5.52 -3.30
N LEU A 78 1.01 6.71 -3.53
CA LEU A 78 1.59 7.53 -2.47
C LEU A 78 0.61 8.58 -1.98
N PRO A 79 0.75 9.00 -0.70
CA PRO A 79 -0.25 9.93 -0.19
C PRO A 79 -0.18 11.29 -0.86
N ILE A 80 -1.31 12.00 -0.88
CA ILE A 80 -1.32 13.39 -1.27
C ILE A 80 -1.94 14.25 -0.17
N PHE A 81 -1.16 15.20 0.34
CA PHE A 81 -1.64 16.15 1.34
C PHE A 81 -2.36 17.30 0.68
N TRP A 82 -3.40 17.81 1.34
CA TRP A 82 -4.26 18.84 0.76
C TRP A 82 -3.58 20.20 0.92
N GLU A 83 -2.81 20.59 -0.08
CA GLU A 83 -2.06 21.84 -0.01
C GLU A 83 -2.65 22.73 -1.07
N PRO A 84 -2.63 24.05 -0.86
CA PRO A 84 -3.17 25.00 -1.82
C PRO A 84 -2.71 24.73 -3.24
N SER A 85 -1.44 24.33 -3.35
CA SER A 85 -0.77 24.16 -4.63
C SER A 85 -1.26 22.95 -5.44
N ILE A 86 -2.04 22.07 -4.83
CA ILE A 86 -2.66 20.96 -5.57
C ILE A 86 -3.94 21.44 -6.26
N TYR A 87 -4.49 22.56 -5.79
CA TYR A 87 -5.69 23.14 -6.38
C TYR A 87 -5.29 24.21 -7.39
N GLN A 88 -5.22 23.86 -8.66
CA GLN A 88 -4.52 24.73 -9.62
C GLN A 88 -5.43 25.54 -10.55
N THR A 89 -6.47 24.89 -11.08
CA THR A 89 -7.41 25.57 -11.96
C THR A 89 -8.42 26.40 -11.17
N ARG A 90 -9.16 27.27 -11.86
CA ARG A 90 -10.25 28.01 -11.25
C ARG A 90 -11.27 27.05 -10.63
N LYS A 91 -11.66 26.03 -11.40
CA LYS A 91 -12.55 24.98 -10.91
C LYS A 91 -12.09 24.41 -9.57
N GLN A 92 -10.80 24.12 -9.51
CA GLN A 92 -10.17 23.48 -8.36
C GLN A 92 -10.10 24.42 -7.17
N HIS A 93 -9.95 25.72 -7.46
CA HIS A 93 -9.93 26.76 -6.44
C HIS A 93 -11.29 27.00 -5.83
N GLU A 94 -12.32 26.90 -6.67
CA GLU A 94 -13.69 27.05 -6.22
C GLU A 94 -14.14 25.80 -5.48
N PHE A 95 -13.66 24.65 -5.95
CA PHE A 95 -13.86 23.40 -5.21
C PHE A 95 -13.19 23.50 -3.84
N PHE A 96 -11.96 23.99 -3.82
CA PHE A 96 -11.24 24.24 -2.59
C PHE A 96 -12.03 25.15 -1.64
N GLU A 97 -12.58 26.23 -2.19
CA GLU A 97 -13.32 27.20 -1.39
C GLU A 97 -14.55 26.59 -0.72
N GLU A 98 -15.29 25.77 -1.46
CA GLU A 98 -16.47 25.09 -0.94
C GLU A 98 -16.12 23.98 0.04
N ALA A 99 -15.12 23.20 -0.32
CA ALA A 99 -14.66 22.11 0.51
C ALA A 99 -14.19 22.66 1.85
N SER A 100 -13.51 23.80 1.82
CA SER A 100 -13.09 24.42 3.07
C SER A 100 -14.29 24.86 3.90
N ALA A 101 -15.38 25.21 3.23
CA ALA A 101 -16.60 25.61 3.92
C ALA A 101 -17.24 24.44 4.69
N ALA A 102 -17.19 23.24 4.10
CA ALA A 102 -17.72 22.04 4.74
C ALA A 102 -16.78 21.53 5.83
N GLY A 103 -15.70 22.26 6.08
CA GLY A 103 -14.73 21.91 7.10
C GLY A 103 -13.63 20.97 6.65
N LEU A 104 -13.34 20.98 5.36
CA LEU A 104 -12.28 20.12 4.83
C LEU A 104 -11.12 20.96 4.27
N VAL A 105 -10.37 21.60 5.17
CA VAL A 105 -9.24 22.44 4.76
C VAL A 105 -7.92 21.67 4.78
N TYR A 106 -7.68 21.03 5.92
CA TYR A 106 -6.45 20.30 6.16
C TYR A 106 -6.71 18.80 6.09
N GLY A 107 -5.75 18.03 5.56
CA GLY A 107 -5.90 16.59 5.50
C GLY A 107 -4.99 15.92 4.49
N LEU A 108 -5.22 14.63 4.24
CA LEU A 108 -4.46 13.90 3.22
C LEU A 108 -5.33 12.79 2.66
N THR A 109 -4.97 12.32 1.47
CA THR A 109 -5.64 11.17 0.88
C THR A 109 -4.61 10.08 0.57
N MET A 110 -4.90 8.86 1.02
CA MET A 110 -4.10 7.70 0.68
C MET A 110 -4.77 7.01 -0.49
N PRO A 111 -4.07 6.86 -1.62
CA PRO A 111 -4.69 6.12 -2.73
C PRO A 111 -4.92 4.68 -2.34
N LEU A 112 -5.95 4.05 -2.90
CA LEU A 112 -6.20 2.64 -2.61
C LEU A 112 -6.16 1.82 -3.88
N HIS A 113 -5.26 0.83 -3.91
CA HIS A 113 -5.11 -0.08 -5.06
C HIS A 113 -5.12 -1.55 -4.63
N GLY A 114 -6.21 -2.24 -4.92
CA GLY A 114 -6.42 -3.58 -4.40
C GLY A 114 -5.88 -4.72 -5.22
N ALA A 115 -5.74 -5.88 -4.59
CA ALA A 115 -5.27 -7.07 -5.26
C ALA A 115 -6.16 -7.45 -6.44
N ARG A 116 -7.46 -7.30 -6.28
CA ARG A 116 -8.37 -7.74 -7.33
C ARG A 116 -8.75 -6.59 -8.27
N GLY A 117 -7.88 -5.57 -8.31
CA GLY A 117 -8.08 -4.44 -9.21
C GLY A 117 -8.87 -3.29 -8.63
N GLU A 118 -9.26 -3.39 -7.36
CA GLU A 118 -10.05 -2.36 -6.72
C GLU A 118 -9.32 -1.02 -6.70
N LEU A 119 -10.07 0.05 -6.98
CA LEU A 119 -9.56 1.41 -7.00
C LEU A 119 -10.30 2.23 -5.98
N GLY A 120 -9.57 3.04 -5.21
CA GLY A 120 -10.20 3.82 -4.16
C GLY A 120 -9.34 4.91 -3.55
N ALA A 121 -9.79 5.40 -2.41
CA ALA A 121 -9.13 6.49 -1.72
C ALA A 121 -9.56 6.48 -0.27
N LEU A 122 -8.62 6.71 0.64
CA LEU A 122 -8.96 6.92 2.04
C LEU A 122 -8.42 8.26 2.48
N SER A 123 -9.34 9.20 2.74
CA SER A 123 -8.99 10.56 3.15
C SER A 123 -9.15 10.76 4.63
N PHE A 124 -8.21 11.49 5.23
CA PHE A 124 -8.29 11.86 6.64
C PHE A 124 -8.21 13.39 6.76
N SER A 125 -9.17 13.97 7.48
CA SER A 125 -9.21 15.42 7.67
C SER A 125 -9.03 15.76 9.13
N VAL A 126 -8.22 16.76 9.39
CA VAL A 126 -7.81 17.09 10.75
C VAL A 126 -8.09 18.56 11.02
N GLU A 127 -8.32 18.91 12.28
CA GLU A 127 -8.54 20.30 12.63
C GLU A 127 -7.31 20.92 13.26
N ALA A 128 -6.93 22.10 12.80
CA ALA A 128 -5.74 22.81 13.29
C ALA A 128 -5.81 24.33 13.07
N GLU A 129 -4.95 25.07 13.77
CA GLU A 129 -4.92 26.53 13.68
C GLU A 129 -4.50 26.98 12.30
N ASN A 130 -3.43 26.38 11.80
CA ASN A 130 -2.83 26.70 10.52
C ASN A 130 -2.35 25.41 9.84
N ARG A 131 -1.72 25.54 8.67
CA ARG A 131 -1.25 24.37 7.94
C ARG A 131 -0.05 23.70 8.63
N ALA A 132 0.87 24.52 9.10
CA ALA A 132 2.06 24.05 9.78
C ALA A 132 1.70 23.11 10.93
N GLU A 133 0.66 23.47 11.66
CA GLU A 133 0.21 22.66 12.78
C GLU A 133 -0.55 21.41 12.31
N ALA A 134 -1.37 21.57 11.28
CA ALA A 134 -2.10 20.44 10.74
C ALA A 134 -1.13 19.37 10.27
N ASN A 135 -0.11 19.82 9.54
CA ASN A 135 0.89 18.93 8.98
C ASN A 135 1.69 18.21 10.05
N ARG A 136 2.08 18.93 11.11
CA ARG A 136 2.71 18.31 12.27
C ARG A 136 1.85 17.18 12.82
N PHE A 137 0.57 17.47 12.98
CA PHE A 137 -0.38 16.49 13.47
C PHE A 137 -0.42 15.27 12.57
N MET A 138 -0.51 15.49 11.27
CA MET A 138 -0.61 14.38 10.34
C MET A 138 0.68 13.60 10.29
N GLU A 139 1.81 14.32 10.22
CA GLU A 139 3.12 13.71 10.02
C GLU A 139 3.48 12.79 11.17
N SER A 140 2.96 13.11 12.36
CA SER A 140 3.26 12.36 13.57
C SER A 140 2.62 10.96 13.60
N VAL A 141 1.52 10.80 12.88
CA VAL A 141 0.80 9.53 12.85
C VAL A 141 0.84 8.91 11.46
N LEU A 142 1.62 9.49 10.57
CA LEU A 142 1.68 9.02 9.18
C LEU A 142 2.00 7.51 9.02
N PRO A 143 2.97 6.95 9.78
CA PRO A 143 3.26 5.54 9.54
C PRO A 143 2.14 4.60 9.95
N THR A 144 1.28 5.05 10.88
CA THR A 144 0.12 4.28 11.31
C THR A 144 -0.98 4.32 10.27
N LEU A 145 -1.29 5.52 9.77
CA LEU A 145 -2.22 5.72 8.66
C LEU A 145 -1.85 4.88 7.47
N TRP A 146 -0.54 4.76 7.24
CA TRP A 146 -0.03 4.03 6.09
C TRP A 146 -0.39 2.56 6.18
N MET A 147 -0.21 1.99 7.38
CA MET A 147 -0.63 0.62 7.65
C MET A 147 -2.14 0.52 7.54
N LEU A 148 -2.82 1.46 8.18
CA LEU A 148 -4.28 1.48 8.28
C LEU A 148 -4.97 1.49 6.91
N LYS A 149 -4.41 2.20 5.95
CA LYS A 149 -5.09 2.33 4.65
C LYS A 149 -5.09 0.99 3.92
N ASP A 150 -4.01 0.22 4.06
CA ASP A 150 -3.94 -1.12 3.47
C ASP A 150 -4.85 -2.09 4.22
N TYR A 151 -4.87 -2.02 5.54
CA TYR A 151 -5.80 -2.85 6.32
C TYR A 151 -7.24 -2.54 5.93
N ALA A 152 -7.57 -1.26 5.85
CA ALA A 152 -8.89 -0.82 5.44
C ALA A 152 -9.23 -1.29 4.02
N LEU A 153 -8.27 -1.18 3.11
CA LEU A 153 -8.43 -1.66 1.74
C LEU A 153 -8.81 -3.13 1.68
N GLN A 154 -8.03 -3.96 2.36
CA GLN A 154 -8.22 -5.41 2.29
C GLN A 154 -9.61 -5.77 2.83
N SER A 155 -9.94 -5.24 4.01
CA SER A 155 -11.17 -5.65 4.67
C SER A 155 -12.40 -5.01 4.04
N GLY A 156 -12.27 -3.76 3.59
CA GLY A 156 -13.38 -3.06 2.98
C GLY A 156 -13.74 -3.53 1.58
N ALA A 157 -12.76 -4.06 0.86
CA ALA A 157 -13.00 -4.60 -0.47
C ALA A 157 -13.78 -5.90 -0.34
N GLY A 158 -13.51 -6.64 0.73
CA GLY A 158 -14.24 -7.85 1.00
C GLY A 158 -15.68 -7.51 1.34
N LEU A 159 -15.88 -6.41 2.07
CA LEU A 159 -17.22 -5.97 2.40
C LEU A 159 -17.94 -5.47 1.17
N ALA A 160 -17.27 -4.60 0.43
CA ALA A 160 -17.92 -3.92 -0.67
C ALA A 160 -18.25 -4.87 -1.83
N PHE A 161 -17.50 -5.96 -1.96
CA PHE A 161 -17.53 -6.70 -3.23
C PHE A 161 -17.70 -8.22 -3.14
N GLU A 162 -17.74 -8.77 -1.93
CA GLU A 162 -17.82 -10.22 -1.75
C GLU A 162 -19.22 -10.68 -1.34
N PHE B 1 13.77 7.87 1.45
CA PHE B 1 12.72 7.56 0.50
C PHE B 1 12.85 8.34 -0.81
N LEU B 2 13.32 9.59 -0.72
CA LEU B 2 13.45 10.47 -1.88
C LEU B 2 14.56 10.02 -2.82
N GLU B 3 15.66 9.56 -2.21
CA GLU B 3 16.80 9.02 -2.93
C GLU B 3 16.38 7.96 -3.94
N LEU B 4 15.27 7.29 -3.65
CA LEU B 4 14.72 6.28 -4.54
C LEU B 4 14.08 6.88 -5.77
N GLU B 5 13.38 8.00 -5.61
CA GLU B 5 12.75 8.68 -6.73
C GLU B 5 13.75 9.51 -7.52
N ARG B 6 14.77 10.01 -6.83
CA ARG B 6 15.76 10.87 -7.46
C ARG B 6 16.84 10.09 -8.23
N SER B 7 16.71 8.77 -8.28
CA SER B 7 17.70 7.95 -8.98
C SER B 7 17.31 7.74 -10.44
N SER B 8 18.32 7.54 -11.28
CA SER B 8 18.11 7.58 -12.72
C SER B 8 17.90 6.22 -13.37
N GLY B 9 18.71 5.25 -12.98
CA GLY B 9 18.65 3.95 -13.61
C GLY B 9 18.39 2.82 -12.64
N LYS B 10 18.03 1.66 -13.19
CA LYS B 10 17.81 0.47 -12.39
C LYS B 10 19.05 0.15 -11.55
N LEU B 11 20.21 0.37 -12.14
CA LEU B 11 21.51 0.22 -11.47
C LEU B 11 21.61 1.01 -10.17
N GLU B 12 21.31 2.30 -10.28
CA GLU B 12 21.35 3.23 -9.15
C GLU B 12 20.26 2.95 -8.15
N TRP B 13 19.07 2.65 -8.66
CA TRP B 13 17.89 2.39 -7.86
C TRP B 13 18.10 1.14 -6.99
N SER B 14 18.57 0.07 -7.63
CA SER B 14 18.79 -1.18 -6.93
C SER B 14 19.81 -1.01 -5.81
N ALA B 15 20.82 -0.18 -6.03
CA ALA B 15 21.83 0.05 -5.01
C ALA B 15 21.24 0.76 -3.80
N ILE B 16 20.38 1.74 -4.06
CA ILE B 16 19.73 2.50 -3.00
C ILE B 16 18.74 1.64 -2.23
N LEU B 17 17.96 0.84 -2.96
CA LEU B 17 16.98 -0.02 -2.35
C LEU B 17 17.65 -1.03 -1.47
N GLN B 18 18.71 -1.65 -1.98
CA GLN B 18 19.46 -2.61 -1.19
C GLN B 18 20.12 -1.98 0.03
N LYS B 19 20.67 -0.77 -0.12
CA LYS B 19 21.34 -0.13 1.02
C LYS B 19 20.36 0.27 2.11
N MET B 20 19.18 0.74 1.73
CA MET B 20 18.17 1.10 2.71
C MET B 20 17.84 -0.11 3.56
N ALA B 21 17.58 -1.23 2.90
CA ALA B 21 17.17 -2.45 3.60
C ALA B 21 18.26 -2.91 4.54
N SER B 22 19.49 -2.94 4.04
CA SER B 22 20.65 -3.29 4.86
C SER B 22 20.80 -2.38 6.08
N ASP B 23 20.72 -1.07 5.85
CA ASP B 23 20.74 -0.11 6.94
C ASP B 23 19.63 -0.41 7.94
N LEU B 24 18.54 -0.98 7.45
CA LEU B 24 17.41 -1.33 8.31
C LEU B 24 17.59 -2.68 8.99
N GLY B 25 18.65 -3.41 8.63
CA GLY B 25 18.95 -4.68 9.27
C GLY B 25 18.71 -5.94 8.44
N PHE B 26 18.29 -5.76 7.19
CA PHE B 26 17.96 -6.89 6.31
C PHE B 26 19.05 -7.14 5.25
N SER B 27 19.71 -8.30 5.33
CA SER B 27 20.86 -8.60 4.49
C SER B 27 20.46 -8.92 3.07
N LYS B 28 19.29 -9.53 2.92
CA LYS B 28 18.82 -9.91 1.59
C LYS B 28 17.46 -9.31 1.32
N ILE B 29 17.22 -8.94 0.06
CA ILE B 29 15.92 -8.46 -0.38
C ILE B 29 15.64 -8.84 -1.82
N LEU B 30 14.37 -8.96 -2.15
CA LEU B 30 13.95 -9.18 -3.52
C LEU B 30 12.78 -8.28 -3.84
N PHE B 31 12.92 -7.53 -4.94
CA PHE B 31 11.90 -6.67 -5.50
C PHE B 31 11.55 -7.18 -6.89
N GLY B 32 10.35 -7.71 -7.04
CA GLY B 32 9.91 -8.24 -8.31
C GLY B 32 8.64 -7.55 -8.76
N LEU B 33 8.54 -7.24 -10.05
CA LEU B 33 7.35 -6.55 -10.55
C LEU B 33 6.91 -7.01 -11.95
N LEU B 34 5.60 -7.17 -12.11
CA LEU B 34 4.96 -7.45 -13.40
C LEU B 34 3.92 -6.38 -13.79
N PRO B 35 3.77 -6.12 -15.10
CA PRO B 35 2.63 -5.31 -15.55
C PRO B 35 1.28 -6.03 -15.39
N LYS B 36 0.19 -5.34 -15.71
CA LYS B 36 -1.17 -5.82 -15.45
C LYS B 36 -1.54 -7.04 -16.30
N ASP B 37 -2.18 -8.03 -15.64
CA ASP B 37 -2.60 -9.30 -16.25
C ASP B 37 -1.45 -10.25 -16.59
N SER B 38 -0.23 -9.88 -16.21
CA SER B 38 0.92 -10.71 -16.52
C SER B 38 1.03 -11.94 -15.62
N GLN B 39 1.39 -13.07 -16.22
CA GLN B 39 1.67 -14.29 -15.48
C GLN B 39 3.10 -14.78 -15.70
N ASP B 40 3.98 -13.88 -16.16
CA ASP B 40 5.33 -14.26 -16.57
C ASP B 40 6.30 -14.22 -15.41
N TYR B 41 5.98 -14.96 -14.36
CA TYR B 41 6.74 -14.98 -13.12
C TYR B 41 8.25 -15.22 -13.31
N GLU B 42 8.63 -15.97 -14.35
CA GLU B 42 10.03 -16.25 -14.63
C GLU B 42 10.75 -15.06 -15.27
N ASN B 43 10.08 -14.39 -16.19
CA ASN B 43 10.70 -13.31 -16.94
C ASN B 43 10.34 -11.92 -16.41
N ALA B 44 10.25 -11.83 -15.09
CA ALA B 44 9.77 -10.63 -14.41
C ALA B 44 10.86 -9.60 -14.24
N PHE B 45 10.50 -8.43 -13.73
CA PHE B 45 11.48 -7.41 -13.38
C PHE B 45 11.96 -7.67 -11.95
N ILE B 46 13.22 -8.05 -11.79
CA ILE B 46 13.75 -8.47 -10.49
C ILE B 46 14.90 -7.60 -10.03
N VAL B 47 14.90 -7.23 -8.76
CA VAL B 47 15.95 -6.43 -8.16
C VAL B 47 16.29 -7.00 -6.77
N GLY B 48 17.53 -6.82 -6.33
CA GLY B 48 17.93 -7.21 -4.99
C GLY B 48 19.18 -8.08 -4.96
N ASN B 49 19.42 -8.73 -3.82
CA ASN B 49 20.65 -9.50 -3.64
C ASN B 49 20.44 -10.90 -3.14
N TYR B 50 19.37 -11.56 -3.58
CA TYR B 50 19.21 -12.99 -3.31
C TYR B 50 20.41 -13.71 -3.94
N PRO B 51 20.79 -14.86 -3.39
CA PRO B 51 21.88 -15.59 -4.05
C PRO B 51 21.51 -15.94 -5.51
N ALA B 52 22.43 -15.64 -6.42
CA ALA B 52 22.23 -15.82 -7.86
C ALA B 52 21.82 -17.24 -8.22
N ALA B 53 22.38 -18.22 -7.51
CA ALA B 53 22.08 -19.61 -7.73
C ALA B 53 20.64 -19.93 -7.33
N TRP B 54 20.17 -19.26 -6.29
CA TRP B 54 18.78 -19.40 -5.84
C TRP B 54 17.80 -18.88 -6.90
N ARG B 55 18.06 -17.68 -7.41
CA ARG B 55 17.20 -17.07 -8.41
C ARG B 55 17.08 -17.94 -9.66
N GLU B 56 18.22 -18.46 -10.14
CA GLU B 56 18.26 -19.27 -11.37
C GLU B 56 17.51 -20.59 -11.22
N HIS B 57 17.73 -21.23 -10.08
CA HIS B 57 17.04 -22.45 -9.69
C HIS B 57 15.57 -22.18 -9.53
N TYR B 58 15.24 -21.09 -8.84
CA TYR B 58 13.87 -20.66 -8.58
C TYR B 58 13.06 -20.56 -9.86
N ASP B 59 13.51 -19.70 -10.78
CA ASP B 59 12.85 -19.52 -12.06
C ASP B 59 12.80 -20.83 -12.87
N ARG B 60 13.93 -21.51 -13.02
CA ARG B 60 13.99 -22.75 -13.81
C ARG B 60 13.05 -23.83 -13.27
N ALA B 61 12.82 -23.82 -11.96
CA ALA B 61 11.93 -24.80 -11.35
C ALA B 61 10.50 -24.27 -11.22
N GLY B 62 10.28 -23.08 -11.80
CA GLY B 62 9.00 -22.42 -11.72
C GLY B 62 8.49 -22.23 -10.30
N TYR B 63 9.41 -21.95 -9.39
CA TYR B 63 9.09 -21.86 -7.97
C TYR B 63 8.08 -20.78 -7.59
N ALA B 64 7.86 -19.80 -8.45
CA ALA B 64 6.88 -18.76 -8.14
C ALA B 64 5.47 -19.34 -8.06
N ARG B 65 5.29 -20.59 -8.52
CA ARG B 65 3.97 -21.19 -8.50
C ARG B 65 3.82 -22.11 -7.31
N VAL B 66 4.86 -22.15 -6.49
CA VAL B 66 4.95 -23.04 -5.32
C VAL B 66 5.13 -22.21 -4.06
N ASP B 67 6.09 -21.30 -4.12
CA ASP B 67 6.31 -20.23 -3.15
C ASP B 67 4.99 -19.60 -2.68
N PRO B 68 4.61 -19.84 -1.42
CA PRO B 68 3.36 -19.30 -0.89
C PRO B 68 3.32 -17.78 -0.80
N THR B 69 4.46 -17.10 -0.79
CA THR B 69 4.42 -15.64 -0.72
C THR B 69 3.86 -15.08 -2.00
N VAL B 70 4.07 -15.77 -3.11
CA VAL B 70 3.64 -15.25 -4.40
C VAL B 70 2.12 -15.39 -4.57
N SER B 71 1.58 -16.53 -4.18
CA SER B 71 0.13 -16.70 -4.27
C SER B 71 -0.58 -15.76 -3.29
N HIS B 72 0.04 -15.48 -2.14
CA HIS B 72 -0.58 -14.56 -1.21
C HIS B 72 -0.63 -13.16 -1.76
N CYS B 73 0.45 -12.74 -2.42
CA CYS B 73 0.51 -11.42 -3.04
C CYS B 73 -0.58 -11.17 -4.09
N THR B 74 -1.02 -12.23 -4.76
CA THR B 74 -2.05 -12.15 -5.78
C THR B 74 -3.41 -11.81 -5.20
N GLN B 75 -3.56 -12.02 -3.89
CA GLN B 75 -4.87 -11.95 -3.25
C GLN B 75 -4.98 -10.85 -2.20
N SER B 76 -3.88 -10.18 -1.89
CA SER B 76 -3.87 -9.31 -0.71
C SER B 76 -2.89 -8.14 -0.85
N VAL B 77 -3.00 -7.19 0.08
CA VAL B 77 -2.11 -6.03 0.15
C VAL B 77 -1.33 -6.04 1.46
N LEU B 78 -1.65 -7.02 2.31
CA LEU B 78 -1.03 -7.15 3.64
C LEU B 78 0.20 -8.09 3.65
N PRO B 79 1.18 -7.82 4.53
CA PRO B 79 2.44 -8.59 4.62
C PRO B 79 2.23 -10.04 5.01
N ILE B 80 2.99 -10.93 4.41
CA ILE B 80 3.02 -12.33 4.84
C ILE B 80 4.39 -12.61 5.45
N PHE B 81 4.42 -12.93 6.75
CA PHE B 81 5.68 -13.31 7.37
C PHE B 81 6.03 -14.76 7.04
N TRP B 82 7.33 -15.06 6.95
CA TRP B 82 7.76 -16.37 6.46
C TRP B 82 7.75 -17.44 7.55
N GLU B 83 6.55 -17.67 8.10
CA GLU B 83 6.31 -18.63 9.18
C GLU B 83 6.27 -20.05 8.67
N PRO B 84 6.70 -21.01 9.52
CA PRO B 84 6.66 -22.44 9.21
C PRO B 84 5.33 -22.86 8.58
N SER B 85 4.24 -22.37 9.16
CA SER B 85 2.91 -22.77 8.76
C SER B 85 2.45 -22.27 7.38
N ILE B 86 3.21 -21.38 6.74
CA ILE B 86 2.76 -20.94 5.41
C ILE B 86 3.16 -21.96 4.34
N TYR B 87 4.12 -22.82 4.69
CA TYR B 87 4.53 -23.93 3.81
C TYR B 87 3.78 -25.19 4.19
N GLN B 88 2.67 -25.46 3.51
CA GLN B 88 1.77 -26.54 3.93
C GLN B 88 1.84 -27.80 3.08
N THR B 89 1.93 -27.62 1.77
CA THR B 89 2.04 -28.75 0.84
C THR B 89 3.45 -29.28 0.86
N ARG B 90 3.62 -30.52 0.42
CA ARG B 90 4.94 -31.14 0.38
C ARG B 90 5.87 -30.37 -0.56
N LYS B 91 5.34 -29.90 -1.67
CA LYS B 91 6.12 -29.11 -2.62
C LYS B 91 6.59 -27.80 -1.98
N GLN B 92 5.79 -27.28 -1.05
CA GLN B 92 6.15 -26.05 -0.35
C GLN B 92 7.15 -26.35 0.77
N HIS B 93 7.02 -27.54 1.37
CA HIS B 93 7.99 -27.98 2.35
C HIS B 93 9.35 -28.26 1.72
N GLU B 94 9.35 -28.81 0.51
CA GLU B 94 10.61 -29.00 -0.20
C GLU B 94 11.18 -27.64 -0.66
N PHE B 95 10.30 -26.71 -0.99
CA PHE B 95 10.72 -25.35 -1.29
C PHE B 95 11.35 -24.70 -0.06
N PHE B 96 10.69 -24.82 1.08
CA PHE B 96 11.16 -24.20 2.32
C PHE B 96 12.55 -24.67 2.66
N GLU B 97 12.78 -25.98 2.53
CA GLU B 97 14.08 -26.57 2.80
C GLU B 97 15.18 -25.96 1.91
N GLU B 98 14.88 -25.82 0.62
CA GLU B 98 15.84 -25.29 -0.35
C GLU B 98 16.08 -23.78 -0.16
N ALA B 99 15.07 -23.05 0.27
CA ALA B 99 15.24 -21.63 0.56
C ALA B 99 16.03 -21.42 1.84
N SER B 100 15.76 -22.24 2.86
CA SER B 100 16.54 -22.24 4.09
C SER B 100 18.02 -22.44 3.81
N ALA B 101 18.33 -23.27 2.81
CA ALA B 101 19.70 -23.55 2.43
C ALA B 101 20.31 -22.39 1.63
N ALA B 102 19.47 -21.55 1.02
CA ALA B 102 19.96 -20.34 0.40
C ALA B 102 20.13 -19.26 1.46
N GLY B 103 19.69 -19.56 2.67
CA GLY B 103 19.79 -18.61 3.76
C GLY B 103 18.54 -17.78 3.93
N LEU B 104 17.43 -18.23 3.36
CA LEU B 104 16.19 -17.43 3.37
C LEU B 104 15.14 -18.01 4.33
N VAL B 105 15.50 -18.01 5.61
CA VAL B 105 14.72 -18.62 6.67
C VAL B 105 13.74 -17.64 7.33
N TYR B 106 14.26 -16.49 7.71
CA TYR B 106 13.45 -15.50 8.38
C TYR B 106 13.22 -14.33 7.43
N GLY B 107 11.96 -13.91 7.32
CA GLY B 107 11.65 -12.76 6.50
C GLY B 107 10.16 -12.48 6.38
N LEU B 108 9.85 -11.51 5.53
CA LEU B 108 8.47 -11.15 5.22
C LEU B 108 8.37 -10.71 3.77
N THR B 109 7.17 -10.83 3.22
CA THR B 109 6.89 -10.33 1.88
C THR B 109 5.77 -9.32 1.91
N MET B 110 6.06 -8.15 1.35
CA MET B 110 5.08 -7.10 1.15
C MET B 110 4.52 -7.20 -0.24
N PRO B 111 3.19 -7.40 -0.36
CA PRO B 111 2.54 -7.39 -1.67
C PRO B 111 2.52 -6.00 -2.31
N LEU B 112 2.80 -5.96 -3.60
CA LEU B 112 2.83 -4.72 -4.35
C LEU B 112 1.74 -4.72 -5.40
N HIS B 113 0.94 -3.65 -5.42
CA HIS B 113 -0.11 -3.44 -6.41
C HIS B 113 -0.16 -1.98 -6.81
N GLY B 114 0.21 -1.67 -8.05
CA GLY B 114 0.40 -0.29 -8.48
C GLY B 114 -0.76 0.41 -9.16
N ALA B 115 -0.60 1.72 -9.35
CA ALA B 115 -1.65 2.56 -9.93
C ALA B 115 -2.01 2.16 -11.35
N ARG B 116 -1.03 1.70 -12.11
CA ARG B 116 -1.28 1.29 -13.48
C ARG B 116 -1.50 -0.24 -13.52
N GLY B 117 -1.97 -0.79 -12.41
CA GLY B 117 -2.25 -2.20 -12.32
C GLY B 117 -1.03 -3.10 -12.25
N GLU B 118 0.09 -2.58 -11.77
CA GLU B 118 1.29 -3.41 -11.58
C GLU B 118 1.11 -4.45 -10.47
N LEU B 119 1.73 -5.63 -10.68
CA LEU B 119 1.70 -6.75 -9.73
C LEU B 119 3.11 -7.23 -9.36
N GLY B 120 3.39 -7.32 -8.06
CA GLY B 120 4.70 -7.76 -7.60
C GLY B 120 4.84 -8.04 -6.10
N ALA B 121 6.09 -8.11 -5.65
CA ALA B 121 6.46 -8.36 -4.25
C ALA B 121 7.78 -7.71 -3.84
N LEU B 122 7.84 -7.28 -2.59
CA LEU B 122 9.07 -6.77 -2.01
C LEU B 122 9.39 -7.55 -0.76
N SER B 123 10.46 -8.35 -0.82
CA SER B 123 10.82 -9.24 0.27
C SER B 123 12.01 -8.69 1.04
N PHE B 124 11.99 -8.92 2.35
CA PHE B 124 13.11 -8.61 3.25
C PHE B 124 13.48 -9.82 4.08
N SER B 125 14.74 -10.23 4.06
CA SER B 125 15.17 -11.38 4.83
C SER B 125 16.19 -10.98 5.90
N VAL B 126 15.98 -11.51 7.09
CA VAL B 126 16.76 -11.09 8.25
C VAL B 126 17.56 -12.27 8.78
N GLU B 127 18.76 -12.01 9.27
CA GLU B 127 19.55 -13.04 9.92
C GLU B 127 19.44 -12.91 11.43
N ALA B 128 18.90 -13.96 12.06
CA ALA B 128 18.65 -13.95 13.48
C ALA B 128 18.96 -15.30 14.10
N GLU B 129 19.13 -15.34 15.41
CA GLU B 129 19.36 -16.61 16.08
C GLU B 129 18.14 -17.55 15.98
N ASN B 130 16.93 -16.99 16.04
CA ASN B 130 15.70 -17.78 16.08
C ASN B 130 14.49 -17.00 15.52
N ARG B 131 13.39 -17.72 15.26
CA ARG B 131 12.14 -17.14 14.75
C ARG B 131 11.50 -16.20 15.76
N ALA B 132 11.69 -16.49 17.04
CA ALA B 132 11.25 -15.56 18.09
C ALA B 132 11.88 -14.17 17.89
N GLU B 133 13.20 -14.13 17.79
CA GLU B 133 13.91 -12.85 17.71
C GLU B 133 13.69 -12.17 16.35
N ALA B 134 13.61 -12.97 15.29
CA ALA B 134 13.43 -12.41 13.95
C ALA B 134 12.11 -11.67 13.91
N ASN B 135 11.05 -12.35 14.33
CA ASN B 135 9.71 -11.74 14.34
C ASN B 135 9.67 -10.48 15.20
N ARG B 136 10.49 -10.47 16.24
CA ARG B 136 10.59 -9.34 17.14
C ARG B 136 11.20 -8.15 16.42
N PHE B 137 12.37 -8.36 15.84
CA PHE B 137 13.07 -7.30 15.09
C PHE B 137 12.28 -6.81 13.87
N MET B 138 11.62 -7.74 13.17
CA MET B 138 10.78 -7.34 12.03
C MET B 138 9.57 -6.55 12.49
N GLU B 139 9.01 -6.93 13.65
CA GLU B 139 7.92 -6.18 14.26
C GLU B 139 8.29 -4.72 14.43
N SER B 140 9.50 -4.48 14.92
CA SER B 140 9.93 -3.15 15.32
C SER B 140 10.27 -2.20 14.18
N VAL B 141 10.45 -2.72 12.96
CA VAL B 141 10.70 -1.87 11.79
C VAL B 141 9.58 -1.98 10.74
N LEU B 142 8.48 -2.65 11.09
CA LEU B 142 7.39 -2.88 10.14
C LEU B 142 6.68 -1.61 9.61
N PRO B 143 6.42 -0.60 10.47
CA PRO B 143 5.83 0.64 9.93
C PRO B 143 6.70 1.31 8.85
N THR B 144 8.01 1.25 9.03
CA THR B 144 8.95 1.83 8.08
C THR B 144 8.99 1.06 6.75
N LEU B 145 9.02 -0.27 6.84
CA LEU B 145 8.96 -1.14 5.64
C LEU B 145 7.63 -0.92 4.92
N TRP B 146 6.56 -0.69 5.68
CA TRP B 146 5.24 -0.49 5.11
C TRP B 146 5.20 0.75 4.21
N MET B 147 5.81 1.82 4.67
CA MET B 147 5.91 3.03 3.87
C MET B 147 6.82 2.79 2.68
N LEU B 148 7.92 2.07 2.95
CA LEU B 148 8.99 1.87 1.99
C LEU B 148 8.54 1.02 0.81
N LYS B 149 7.67 0.04 1.06
CA LYS B 149 7.27 -0.83 -0.03
C LYS B 149 6.48 -0.05 -1.08
N ASP B 150 5.75 0.97 -0.65
CA ASP B 150 4.98 1.81 -1.58
C ASP B 150 5.86 2.82 -2.29
N TYR B 151 6.84 3.39 -1.58
CA TYR B 151 7.83 4.25 -2.23
C TYR B 151 8.66 3.50 -3.28
N ALA B 152 8.90 2.22 -3.00
CA ALA B 152 9.67 1.37 -3.92
C ALA B 152 8.81 0.93 -5.09
N LEU B 153 7.54 0.62 -4.82
CA LEU B 153 6.62 0.29 -5.89
C LEU B 153 6.39 1.47 -6.84
N GLN B 154 6.20 2.68 -6.31
CA GLN B 154 5.92 3.83 -7.17
C GLN B 154 7.10 4.18 -8.06
N SER B 155 8.31 4.21 -7.49
CA SER B 155 9.50 4.55 -8.28
C SER B 155 9.93 3.37 -9.15
N GLY B 156 9.80 2.17 -8.60
CA GLY B 156 10.16 0.96 -9.30
C GLY B 156 9.42 0.78 -10.62
N ALA B 157 8.10 0.82 -10.56
CA ALA B 157 7.29 0.62 -11.76
C ALA B 157 7.55 1.69 -12.81
N GLY B 158 8.13 2.80 -12.38
CA GLY B 158 8.53 3.87 -13.28
C GLY B 158 9.72 3.43 -14.12
N LEU B 159 10.81 3.07 -13.44
CA LEU B 159 12.04 2.63 -14.11
C LEU B 159 11.83 1.37 -14.94
N ALA B 160 11.00 0.46 -14.46
CA ALA B 160 10.69 -0.77 -15.18
C ALA B 160 9.87 -0.52 -16.46
N PHE B 161 8.80 0.27 -16.36
CA PHE B 161 7.85 0.37 -17.46
C PHE B 161 7.73 1.76 -18.08
N GLU B 162 8.78 2.56 -18.00
CA GLU B 162 8.79 3.87 -18.67
C GLU B 162 10.22 4.30 -18.99
C10 K4G C . -15.09 10.91 -3.08
C15 K4G C . -11.62 13.72 -0.80
C20 K4G C . -10.94 18.47 -0.17
C22 K4G C . -12.60 16.90 0.02
C01 K4G C . -9.69 7.27 -7.22
C02 K4G C . -10.81 6.95 -6.27
C03 K4G C . -12.18 6.92 -6.95
C04 K4G C . -13.15 6.01 -6.18
C05 K4G C . -13.62 6.63 -4.87
C06 K4G C . -15.10 7.03 -4.88
C07 K4G C . -15.41 8.16 -5.85
C08 K4G C . -15.58 9.55 -5.17
C09 K4G C . -15.46 9.54 -3.63
C11 K4G C . -13.58 11.10 -2.87
C12 K4G C . -13.24 12.32 -2.07
C14 K4G C . -11.80 12.71 -1.92
C18 K4G C . -11.30 16.08 -0.10
C19 K4G C . -10.28 17.16 -0.47
N17 K4G C . -11.48 15.06 -1.14
O13 K4G C . -14.10 13.00 -1.51
O16 K4G C . -11.59 13.36 0.38
O21 K4G C . -12.29 18.21 0.21
O23 K4G C . -13.75 16.58 -0.02
C10 K4G D . 10.32 -14.35 -7.17
C15 K4G D . 10.10 -14.61 -2.09
C20 K4G D . 11.32 -18.13 1.02
C22 K4G D . 12.16 -17.19 -0.86
C01 K4G D . 2.89 -11.55 -7.19
C02 K4G D . 4.39 -11.59 -7.47
C03 K4G D . 4.73 -12.29 -8.79
C04 K4G D . 5.68 -11.44 -9.66
C05 K4G D . 6.90 -10.90 -8.90
C06 K4G D . 8.20 -11.40 -9.53
C07 K4G D . 8.09 -12.83 -10.07
C08 K4G D . 8.64 -13.90 -9.11
C09 K4G D . 9.99 -13.52 -8.44
C11 K4G D . 9.56 -13.88 -5.89
C12 K4G D . 10.17 -14.32 -4.58
C14 K4G D . 9.28 -14.34 -3.32
C18 K4G D . 11.04 -16.22 -0.44
C19 K4G D . 10.32 -17.04 0.65
N17 K4G D . 10.23 -15.92 -1.63
O13 K4G D . 11.34 -14.68 -4.49
O16 K4G D . 10.64 -13.70 -1.49
O21 K4G D . 12.27 -18.22 -0.01
O23 K4G D . 12.89 -17.17 -1.81
#